data_5Z43
#
_entry.id   5Z43
#
_cell.length_a   116.263
_cell.length_b   116.263
_cell.length_c   48.723
_cell.angle_alpha   90.00
_cell.angle_beta   90.00
_cell.angle_gamma   90.00
#
_symmetry.space_group_name_H-M   'P 41'
#
loop_
_entity.id
_entity.type
_entity.pdbx_description
1 polymer AmbP1
2 non-polymer 'MAGNESIUM ION'
3 water water
#
_entity_poly.entity_id   1
_entity_poly.type   'polypeptide(L)'
_entity_poly.pdbx_seq_one_letter_code
;MNDVNRIRTDIINVAKTFGAEYSEKVLDEVFQVFGEQFADNSFMIRTSNKQPDKLGCYFRYHEEDESQLGLAWDIARKSG
LLSDQGRPVDQLIPEICETFPIMADGVDFDVKHGLAKIWQSIKGVVPVQDAFKLSLPASVTTHSDFLKNHHLDALYAFGI
DYHHSSVNLYFDTYHPKHHTSEYYKNLLQDLQFQPPSDELLELLTNNGEIALTFNFASPRIERLCFYLPFLNREAVPQNL
LNPLLKKYINEAPALVDNPGFILGWSFGPQGGKGTYTKVDVDYHGRTVPLFMKVHSQPLPKAADFALAQ
;
_entity_poly.pdbx_strand_id   A,B
#
loop_
_chem_comp.id
_chem_comp.type
_chem_comp.name
_chem_comp.formula
MG non-polymer 'MAGNESIUM ION' 'Mg 2'
#
# COMPACT_ATOMS: atom_id res chain seq x y z
N MET A 1 1.13 6.21 -15.61
CA MET A 1 0.19 7.05 -14.87
C MET A 1 0.76 7.40 -13.50
N ASN A 2 -0.10 7.95 -12.64
CA ASN A 2 0.23 8.02 -11.22
C ASN A 2 0.50 6.64 -10.66
N ASP A 3 -0.16 5.62 -11.21
CA ASP A 3 0.01 4.25 -10.72
C ASP A 3 1.44 3.77 -10.92
N VAL A 4 2.11 4.23 -11.97
CA VAL A 4 3.45 3.76 -12.26
C VAL A 4 4.46 4.36 -11.30
N ASN A 5 4.36 5.68 -11.05
CA ASN A 5 5.26 6.32 -10.11
C ASN A 5 4.98 5.91 -8.68
N ARG A 6 3.73 5.56 -8.38
CA ARG A 6 3.41 5.05 -7.05
C ARG A 6 4.08 3.69 -6.81
N ILE A 7 4.18 2.87 -7.85
CA ILE A 7 4.75 1.53 -7.70
C ILE A 7 6.26 1.62 -7.45
N ARG A 8 6.96 2.48 -8.21
CA ARG A 8 8.39 2.63 -7.99
C ARG A 8 8.68 3.24 -6.61
N THR A 9 7.83 4.16 -6.15
CA THR A 9 8.04 4.73 -4.83
C THR A 9 7.94 3.66 -3.74
N ASP A 10 6.96 2.75 -3.88
CA ASP A 10 6.80 1.70 -2.88
C ASP A 10 7.99 0.76 -2.85
N ILE A 11 8.59 0.47 -4.00
CA ILE A 11 9.71 -0.46 -4.02
C ILE A 11 10.92 0.12 -3.29
N ILE A 12 11.26 1.37 -3.60
CA ILE A 12 12.38 2.03 -2.92
C ILE A 12 12.11 2.13 -1.42
N ASN A 13 10.87 2.48 -1.03
CA ASN A 13 10.53 2.50 0.39
C ASN A 13 10.75 1.13 1.04
N VAL A 14 10.36 0.04 0.37
CA VAL A 14 10.60 -1.28 0.92
C VAL A 14 12.09 -1.54 1.05
N ALA A 15 12.83 -1.41 -0.06
CA ALA A 15 14.27 -1.69 -0.05
C ALA A 15 15.01 -0.85 1.00
N LYS A 16 14.52 0.33 1.33
CA LYS A 16 15.21 1.15 2.32
C LYS A 16 14.79 0.81 3.75
N THR A 17 13.51 0.50 3.96
CA THR A 17 13.07 0.07 5.29
C THR A 17 13.75 -1.23 5.70
N PHE A 18 13.70 -2.25 4.84
CA PHE A 18 14.20 -3.57 5.19
C PHE A 18 15.63 -3.81 4.75
N GLY A 19 16.44 -2.75 4.62
CA GLY A 19 17.86 -2.88 4.35
C GLY A 19 18.27 -3.71 3.15
N ALA A 20 17.65 -3.47 1.99
CA ALA A 20 17.99 -4.19 0.77
C ALA A 20 18.93 -3.37 -0.10
N GLU A 21 19.98 -4.02 -0.59
CA GLU A 21 20.79 -3.47 -1.67
C GLU A 21 19.91 -3.11 -2.88
N TYR A 22 19.94 -1.84 -3.29
CA TYR A 22 19.21 -1.41 -4.48
C TYR A 22 20.01 -0.37 -5.24
N SER A 23 19.55 -0.12 -6.47
CA SER A 23 20.19 0.84 -7.37
C SER A 23 19.08 1.59 -8.09
N GLU A 24 19.06 2.92 -7.92
CA GLU A 24 18.01 3.74 -8.50
C GLU A 24 18.13 3.81 -10.02
N LYS A 25 19.36 3.69 -10.55
CA LYS A 25 19.53 3.67 -12.00
C LYS A 25 18.84 2.46 -12.62
N VAL A 26 19.05 1.29 -12.03
CA VAL A 26 18.49 0.05 -12.58
C VAL A 26 16.97 0.07 -12.48
N LEU A 27 16.43 0.46 -11.33
CA LEU A 27 14.98 0.66 -11.21
C LEU A 27 14.46 1.61 -12.30
N ASP A 28 15.21 2.69 -12.60
CA ASP A 28 14.76 3.63 -13.62
C ASP A 28 14.74 2.99 -14.99
N GLU A 29 15.78 2.21 -15.32
CA GLU A 29 15.81 1.56 -16.62
C GLU A 29 14.73 0.50 -16.73
N VAL A 30 14.40 -0.18 -15.63
CA VAL A 30 13.35 -1.19 -15.66
C VAL A 30 11.97 -0.54 -15.82
N PHE A 31 11.69 0.50 -15.02
CA PHE A 31 10.36 1.12 -15.01
C PHE A 31 10.07 1.84 -16.33
N GLN A 32 11.08 2.46 -16.92
CA GLN A 32 10.91 3.02 -18.26
C GLN A 32 10.35 1.99 -19.23
N VAL A 33 10.84 0.76 -19.13
CA VAL A 33 10.58 -0.27 -20.11
C VAL A 33 9.39 -1.16 -19.74
N PHE A 34 9.16 -1.40 -18.45
CA PHE A 34 8.11 -2.31 -18.01
C PHE A 34 7.05 -1.64 -17.13
N GLY A 35 7.23 -0.36 -16.81
CA GLY A 35 6.37 0.28 -15.84
C GLY A 35 4.90 0.09 -16.12
N GLU A 36 4.51 0.20 -17.38
CA GLU A 36 3.09 0.09 -17.71
C GLU A 36 2.58 -1.31 -17.44
N GLN A 37 3.37 -2.33 -17.80
CA GLN A 37 3.02 -3.71 -17.50
C GLN A 37 2.87 -3.95 -16.01
N PHE A 38 3.66 -3.25 -15.18
CA PHE A 38 3.48 -3.37 -13.73
C PHE A 38 2.13 -2.82 -13.29
N ALA A 39 1.71 -1.68 -13.86
CA ALA A 39 0.42 -1.10 -13.46
C ALA A 39 -0.74 -1.96 -13.93
N ASP A 40 -0.65 -2.54 -15.12
CA ASP A 40 -1.81 -3.15 -15.77
C ASP A 40 -1.86 -4.66 -15.63
N ASN A 41 -0.94 -5.28 -14.89
CA ASN A 41 -0.95 -6.73 -14.75
C ASN A 41 -0.82 -7.12 -13.29
N SER A 42 -1.12 -8.39 -13.05
CA SER A 42 -0.80 -9.01 -11.77
C SER A 42 0.65 -8.71 -11.39
N PHE A 43 0.83 -8.01 -10.29
CA PHE A 43 2.12 -7.48 -9.88
C PHE A 43 2.36 -7.77 -8.39
N MET A 44 3.60 -8.11 -8.05
CA MET A 44 3.94 -8.47 -6.68
C MET A 44 5.32 -7.94 -6.31
N ILE A 45 5.50 -7.66 -5.02
CA ILE A 45 6.77 -7.21 -4.47
C ILE A 45 7.27 -8.25 -3.49
N ARG A 46 8.48 -8.75 -3.69
CA ARG A 46 8.99 -9.86 -2.91
C ARG A 46 10.05 -9.42 -1.91
N THR A 47 10.05 -10.06 -0.77
CA THR A 47 11.09 -9.93 0.22
C THR A 47 11.58 -11.34 0.57
N SER A 48 12.91 -11.52 0.67
CA SER A 48 13.40 -12.84 1.00
C SER A 48 14.52 -12.76 2.03
N ASN A 49 14.65 -13.89 2.72
CA ASN A 49 15.36 -14.19 3.96
C ASN A 49 16.81 -14.58 3.77
N LYS A 50 17.39 -14.36 2.59
CA LYS A 50 18.62 -15.09 2.29
C LYS A 50 19.80 -14.67 3.17
N GLN A 51 19.73 -13.54 3.87
CA GLN A 51 20.74 -13.09 4.80
C GLN A 51 20.14 -12.93 6.18
N PRO A 52 20.89 -13.25 7.24
CA PRO A 52 20.33 -13.24 8.60
C PRO A 52 19.49 -12.02 8.94
N ASP A 53 19.98 -10.81 8.65
CA ASP A 53 19.31 -9.62 9.10
C ASP A 53 19.09 -8.59 8.00
N LYS A 54 19.30 -8.98 6.74
CA LYS A 54 19.05 -8.09 5.61
C LYS A 54 18.19 -8.84 4.60
N LEU A 55 16.98 -8.33 4.41
CA LEU A 55 16.11 -8.86 3.37
C LEU A 55 16.61 -8.44 2.01
N GLY A 56 16.41 -9.31 1.02
CA GLY A 56 16.51 -8.91 -0.37
C GLY A 56 15.18 -8.39 -0.85
N CYS A 57 15.19 -7.58 -1.91
CA CYS A 57 13.95 -7.05 -2.44
C CYS A 57 13.86 -7.30 -3.94
N TYR A 58 12.71 -7.84 -4.35
CA TYR A 58 12.47 -8.22 -5.73
C TYR A 58 11.08 -7.74 -6.11
N PHE A 59 10.83 -7.67 -7.41
CA PHE A 59 9.47 -7.42 -7.88
C PHE A 59 9.21 -8.18 -9.18
N ARG A 60 7.97 -8.64 -9.35
CA ARG A 60 7.61 -9.49 -10.47
C ARG A 60 6.25 -9.11 -11.03
N TYR A 61 6.02 -9.50 -12.28
CA TYR A 61 4.68 -9.39 -12.82
C TYR A 61 4.37 -10.59 -13.70
N HIS A 62 3.08 -10.78 -13.91
CA HIS A 62 2.48 -12.01 -14.42
C HIS A 62 1.50 -11.60 -15.49
N GLU A 63 1.67 -12.14 -16.71
CA GLU A 63 0.88 -11.70 -17.86
C GLU A 63 0.01 -12.86 -18.36
N GLU A 64 -1.31 -12.68 -18.28
CA GLU A 64 -2.28 -13.66 -18.74
C GLU A 64 -2.90 -13.31 -20.08
N ASP A 65 -2.78 -12.06 -20.54
CA ASP A 65 -3.40 -11.60 -21.78
C ASP A 65 -2.77 -12.34 -22.97
N GLU A 66 -3.57 -13.16 -23.66
CA GLU A 66 -3.03 -14.03 -24.70
C GLU A 66 -2.33 -13.24 -25.82
N SER A 67 -2.87 -12.07 -26.17
CA SER A 67 -2.25 -11.27 -27.24
C SER A 67 -0.91 -10.68 -26.85
N GLN A 68 -0.57 -10.67 -25.55
CA GLN A 68 0.68 -10.13 -25.04
C GLN A 68 1.77 -11.18 -24.85
N LEU A 69 1.41 -12.47 -24.89
CA LEU A 69 2.40 -13.52 -24.64
C LEU A 69 3.57 -13.40 -25.61
N GLY A 70 4.77 -13.30 -25.06
CA GLY A 70 5.99 -13.17 -25.82
C GLY A 70 6.58 -11.78 -25.78
N LEU A 71 5.75 -10.76 -25.55
CA LEU A 71 6.25 -9.39 -25.56
C LEU A 71 7.27 -9.16 -24.44
N ALA A 72 7.05 -9.74 -23.25
CA ALA A 72 7.99 -9.48 -22.15
C ALA A 72 9.41 -9.84 -22.56
N TRP A 73 9.57 -10.95 -23.29
CA TRP A 73 10.88 -11.36 -23.80
C TRP A 73 11.37 -10.41 -24.89
N ASP A 74 10.50 -10.05 -25.84
CA ASP A 74 10.91 -9.13 -26.91
C ASP A 74 11.27 -7.76 -26.34
N ILE A 75 10.38 -7.19 -25.52
CA ILE A 75 10.67 -5.93 -24.81
C ILE A 75 12.04 -6.02 -24.14
N ALA A 76 12.22 -7.04 -23.30
CA ALA A 76 13.46 -7.18 -22.53
C ALA A 76 14.68 -7.25 -23.44
N ARG A 77 14.58 -8.02 -24.55
CA ARG A 77 15.71 -8.13 -25.46
C ARG A 77 15.99 -6.81 -26.17
N LYS A 78 14.95 -6.14 -26.67
CA LYS A 78 15.16 -4.87 -27.38
C LYS A 78 15.75 -3.81 -26.46
N SER A 79 15.21 -3.70 -25.24
CA SER A 79 15.61 -2.62 -24.34
C SER A 79 17.02 -2.77 -23.80
N GLY A 80 17.69 -3.89 -24.06
CA GLY A 80 18.98 -4.14 -23.48
C GLY A 80 18.93 -4.65 -22.05
N LEU A 81 17.75 -4.72 -21.44
CA LEU A 81 17.63 -5.23 -20.07
C LEU A 81 17.96 -6.72 -20.00
N LEU A 82 17.63 -7.48 -21.03
CA LEU A 82 18.03 -8.89 -21.16
C LEU A 82 18.88 -9.01 -22.41
N SER A 83 20.17 -9.26 -22.23
CA SER A 83 21.11 -9.43 -23.32
C SER A 83 21.64 -10.85 -23.25
N ASP A 84 21.37 -11.63 -24.29
CA ASP A 84 21.79 -13.02 -24.25
C ASP A 84 23.30 -13.09 -24.50
N GLN A 85 24.04 -13.55 -23.49
CA GLN A 85 25.49 -13.67 -23.48
C GLN A 85 25.97 -15.04 -23.99
N GLY A 86 25.22 -15.66 -24.90
CA GLY A 86 25.56 -16.97 -25.41
C GLY A 86 25.44 -18.11 -24.42
N ARG A 87 25.10 -17.83 -23.14
CA ARG A 87 24.98 -18.80 -22.06
C ARG A 87 24.05 -19.95 -22.45
N PRO A 88 24.14 -21.09 -21.75
CA PRO A 88 23.20 -22.19 -22.06
C PRO A 88 21.74 -21.80 -21.84
N VAL A 89 21.50 -20.99 -20.81
CA VAL A 89 20.18 -20.47 -20.47
C VAL A 89 19.59 -19.61 -21.59
N ASP A 90 20.43 -19.11 -22.49
CA ASP A 90 19.99 -18.03 -23.36
C ASP A 90 19.07 -18.49 -24.48
N GLN A 91 19.12 -19.78 -24.83
CA GLN A 91 18.31 -20.28 -25.92
C GLN A 91 17.00 -20.93 -25.45
N LEU A 92 16.72 -20.93 -24.15
CA LEU A 92 15.64 -21.77 -23.65
C LEU A 92 14.26 -21.18 -23.93
N ILE A 93 14.08 -19.87 -23.75
CA ILE A 93 12.79 -19.24 -24.03
C ILE A 93 12.40 -19.44 -25.49
N PRO A 94 13.26 -19.19 -26.47
CA PRO A 94 12.89 -19.54 -27.85
C PRO A 94 12.52 -21.00 -28.05
N GLU A 95 13.27 -21.94 -27.46
CA GLU A 95 12.93 -23.35 -27.65
C GLU A 95 11.61 -23.70 -26.97
N ILE A 96 11.31 -23.06 -25.84
CA ILE A 96 10.09 -23.37 -25.10
C ILE A 96 8.85 -22.92 -25.88
N CYS A 97 8.92 -21.74 -26.52
CA CYS A 97 7.74 -21.21 -27.21
C CYS A 97 7.44 -21.97 -28.50
N GLU A 98 8.47 -22.46 -29.19
CA GLU A 98 8.25 -23.34 -30.33
C GLU A 98 7.56 -24.63 -29.90
N THR A 99 7.95 -25.18 -28.75
CA THR A 99 7.62 -26.56 -28.41
C THR A 99 6.24 -26.69 -27.77
N PHE A 100 5.86 -25.77 -26.88
CA PHE A 100 4.63 -25.93 -26.13
C PHE A 100 3.73 -24.71 -26.27
N PRO A 101 2.41 -24.91 -26.25
CA PRO A 101 1.48 -23.78 -26.22
C PRO A 101 1.53 -23.06 -24.87
N ILE A 102 1.70 -21.74 -24.92
CA ILE A 102 1.96 -20.93 -23.74
C ILE A 102 0.67 -20.31 -23.24
N MET A 103 0.40 -20.44 -21.95
CA MET A 103 -0.80 -19.88 -21.35
C MET A 103 -0.54 -18.60 -20.57
N ALA A 104 0.66 -18.42 -20.06
CA ALA A 104 1.03 -17.27 -19.25
C ALA A 104 2.55 -17.16 -19.24
N ASP A 105 3.03 -15.95 -18.99
CA ASP A 105 4.45 -15.71 -18.79
C ASP A 105 4.64 -14.53 -17.84
N GLY A 106 5.89 -14.33 -17.42
CA GLY A 106 6.21 -13.48 -16.29
C GLY A 106 7.66 -13.08 -16.28
N VAL A 107 7.96 -12.01 -15.53
CA VAL A 107 9.30 -11.45 -15.40
C VAL A 107 9.56 -11.10 -13.94
N ASP A 108 10.74 -11.49 -13.44
CA ASP A 108 11.16 -11.18 -12.09
C ASP A 108 12.38 -10.26 -12.16
N PHE A 109 12.40 -9.26 -11.30
CA PHE A 109 13.48 -8.29 -11.28
C PHE A 109 14.11 -8.20 -9.88
N ASP A 110 15.38 -7.83 -9.86
CA ASP A 110 16.13 -7.59 -8.64
C ASP A 110 16.37 -6.08 -8.53
N VAL A 111 16.08 -5.49 -7.37
CA VAL A 111 16.13 -4.03 -7.26
C VAL A 111 17.54 -3.47 -7.34
N LYS A 112 18.57 -4.31 -7.29
CA LYS A 112 19.94 -3.88 -7.52
C LYS A 112 20.50 -4.35 -8.85
N HIS A 113 20.13 -5.55 -9.31
CA HIS A 113 20.76 -6.09 -10.50
C HIS A 113 19.87 -6.09 -11.73
N GLY A 114 18.55 -5.86 -11.59
CA GLY A 114 17.65 -5.78 -12.74
C GLY A 114 16.92 -7.06 -13.09
N LEU A 115 16.67 -7.25 -14.40
CA LEU A 115 15.97 -8.43 -14.86
C LEU A 115 16.70 -9.70 -14.42
N ALA A 116 16.03 -10.50 -13.60
CA ALA A 116 16.62 -11.71 -13.07
C ALA A 116 16.07 -13.00 -13.69
N LYS A 117 14.80 -13.01 -14.11
CA LYS A 117 14.12 -14.26 -14.35
C LYS A 117 12.88 -14.05 -15.20
N ILE A 118 12.66 -14.95 -16.17
CA ILE A 118 11.45 -14.98 -16.99
C ILE A 118 10.84 -16.37 -16.90
N TRP A 119 9.54 -16.44 -16.61
CA TRP A 119 8.86 -17.73 -16.55
C TRP A 119 7.75 -17.83 -17.59
N GLN A 120 7.56 -19.07 -18.06
CA GLN A 120 6.57 -19.44 -19.05
C GLN A 120 5.74 -20.58 -18.47
N SER A 121 4.43 -20.47 -18.57
CA SER A 121 3.49 -21.50 -18.16
C SER A 121 2.90 -22.19 -19.38
N ILE A 122 2.79 -23.50 -19.32
CA ILE A 122 2.27 -24.28 -20.44
C ILE A 122 0.75 -24.33 -20.38
N LYS A 123 0.13 -24.35 -21.55
CA LYS A 123 -1.30 -24.64 -21.62
C LYS A 123 -1.47 -26.14 -21.46
N GLY A 124 -1.97 -26.57 -20.30
CA GLY A 124 -2.01 -27.98 -19.97
C GLY A 124 -0.76 -28.44 -19.24
N VAL A 125 -0.76 -29.72 -18.85
CA VAL A 125 0.41 -30.35 -18.26
C VAL A 125 0.99 -31.33 -19.27
N VAL A 126 2.31 -31.48 -19.24
CA VAL A 126 2.96 -32.45 -20.12
C VAL A 126 3.79 -33.41 -19.27
N PRO A 127 3.95 -34.66 -19.71
CA PRO A 127 4.96 -35.54 -19.10
C PRO A 127 6.31 -34.86 -19.19
N VAL A 128 7.01 -34.79 -18.06
CA VAL A 128 8.25 -34.01 -17.99
C VAL A 128 9.24 -34.48 -19.05
N GLN A 129 9.23 -35.78 -19.37
CA GLN A 129 10.02 -36.35 -20.47
C GLN A 129 9.82 -35.58 -21.80
N ASP A 130 8.67 -34.98 -22.02
CA ASP A 130 8.50 -34.21 -23.25
C ASP A 130 9.44 -33.00 -23.32
N ALA A 131 10.00 -32.57 -22.20
CA ALA A 131 10.93 -31.44 -22.24
C ALA A 131 12.38 -31.86 -22.39
N PHE A 132 12.68 -33.16 -22.50
CA PHE A 132 14.08 -33.59 -22.45
C PHE A 132 14.85 -33.20 -23.69
N LYS A 133 14.16 -32.91 -24.79
CA LYS A 133 14.81 -32.44 -26.02
C LYS A 133 15.17 -30.95 -25.98
N LEU A 134 14.70 -30.20 -24.98
CA LEU A 134 15.18 -28.85 -24.77
C LEU A 134 16.61 -28.89 -24.25
N SER A 135 17.30 -27.76 -24.37
CA SER A 135 18.67 -27.64 -23.90
C SER A 135 18.74 -27.42 -22.39
N LEU A 136 18.06 -28.28 -21.62
CA LEU A 136 18.00 -28.15 -20.18
C LEU A 136 19.31 -28.63 -19.54
N PRO A 137 19.57 -28.24 -18.30
CA PRO A 137 20.72 -28.81 -17.60
C PRO A 137 20.61 -30.33 -17.61
N ALA A 138 21.73 -30.99 -17.92
CA ALA A 138 21.78 -32.45 -17.98
C ALA A 138 21.19 -33.11 -16.72
N SER A 139 21.19 -32.42 -15.58
CA SER A 139 20.65 -32.97 -14.35
C SER A 139 19.13 -33.21 -14.42
N VAL A 140 18.43 -32.62 -15.37
CA VAL A 140 17.02 -32.92 -15.54
C VAL A 140 16.82 -34.36 -15.98
N THR A 141 17.42 -34.73 -17.11
CA THR A 141 17.25 -36.08 -17.60
C THR A 141 17.90 -37.11 -16.66
N THR A 142 19.05 -36.80 -16.06
CA THR A 142 19.63 -37.83 -15.20
C THR A 142 18.83 -38.05 -13.92
N HIS A 143 17.83 -37.21 -13.64
CA HIS A 143 16.95 -37.41 -12.49
C HIS A 143 15.56 -37.88 -12.93
N SER A 144 15.42 -38.36 -14.17
CA SER A 144 14.08 -38.65 -14.63
C SER A 144 13.45 -39.77 -13.80
N ASP A 145 14.26 -40.68 -13.25
CA ASP A 145 13.71 -41.75 -12.42
C ASP A 145 13.29 -41.21 -11.07
N PHE A 146 14.12 -40.34 -10.50
CA PHE A 146 13.72 -39.64 -9.29
C PHE A 146 12.44 -38.85 -9.52
N LEU A 147 12.33 -38.16 -10.66
CA LEU A 147 11.13 -37.36 -10.92
C LEU A 147 9.89 -38.25 -10.99
N LYS A 148 9.98 -39.37 -11.71
CA LYS A 148 8.87 -40.31 -11.77
C LYS A 148 8.57 -40.89 -10.39
N ASN A 149 9.61 -41.29 -9.65
CA ASN A 149 9.41 -41.96 -8.36
C ASN A 149 8.73 -41.08 -7.34
N HIS A 150 8.92 -39.75 -7.43
CA HIS A 150 8.30 -38.85 -6.48
C HIS A 150 7.09 -38.11 -7.08
N HIS A 151 6.59 -38.58 -8.22
CA HIS A 151 5.45 -37.95 -8.91
C HIS A 151 5.67 -36.45 -9.12
N LEU A 152 6.89 -36.10 -9.55
CA LEU A 152 7.20 -34.76 -10.03
C LEU A 152 7.44 -34.81 -11.53
N ASP A 153 6.44 -35.31 -12.26
CA ASP A 153 6.54 -35.56 -13.70
C ASP A 153 5.39 -34.98 -14.50
N ALA A 154 4.47 -34.25 -13.86
CA ALA A 154 3.43 -33.48 -14.55
C ALA A 154 3.91 -32.02 -14.62
N LEU A 155 4.65 -31.70 -15.67
CA LEU A 155 5.32 -30.43 -15.84
C LEU A 155 4.40 -29.41 -16.49
N TYR A 156 4.39 -28.16 -15.97
CA TYR A 156 3.54 -27.12 -16.54
C TYR A 156 4.15 -25.73 -16.62
N ALA A 157 5.36 -25.51 -16.09
CA ALA A 157 5.94 -24.17 -16.14
C ALA A 157 7.46 -24.24 -15.99
N PHE A 158 8.13 -23.29 -16.67
CA PHE A 158 9.58 -23.16 -16.63
C PHE A 158 9.94 -21.79 -16.06
N GLY A 159 10.85 -21.76 -15.09
CA GLY A 159 11.48 -20.52 -14.70
C GLY A 159 12.92 -20.47 -15.19
N ILE A 160 13.26 -19.42 -15.93
CA ILE A 160 14.60 -19.27 -16.49
C ILE A 160 15.29 -18.16 -15.71
N ASP A 161 16.29 -18.53 -14.91
CA ASP A 161 16.95 -17.63 -13.98
C ASP A 161 18.26 -17.16 -14.62
N TYR A 162 18.28 -15.93 -15.12
CA TYR A 162 19.47 -15.52 -15.86
C TYR A 162 20.62 -15.12 -14.96
N HIS A 163 20.36 -14.70 -13.72
CA HIS A 163 21.47 -14.33 -12.86
C HIS A 163 22.24 -15.56 -12.39
N HIS A 164 21.57 -16.69 -12.26
CA HIS A 164 22.18 -17.87 -11.68
C HIS A 164 22.49 -18.96 -12.69
N SER A 165 22.18 -18.76 -13.96
CA SER A 165 22.27 -19.83 -14.96
C SER A 165 21.59 -21.09 -14.45
N SER A 166 20.33 -20.94 -14.05
CA SER A 166 19.58 -22.08 -13.56
C SER A 166 18.17 -22.04 -14.14
N VAL A 167 17.48 -23.16 -13.98
CA VAL A 167 16.14 -23.38 -14.52
C VAL A 167 15.29 -23.99 -13.42
N ASN A 168 14.10 -23.42 -13.21
CA ASN A 168 13.13 -23.99 -12.29
C ASN A 168 12.00 -24.66 -13.05
N LEU A 169 11.71 -25.91 -12.71
CA LEU A 169 10.61 -26.63 -13.30
C LEU A 169 9.50 -26.76 -12.28
N TYR A 170 8.25 -26.48 -12.70
CA TYR A 170 7.07 -26.57 -11.85
C TYR A 170 6.25 -27.81 -12.17
N PHE A 171 5.76 -28.48 -11.13
CA PHE A 171 5.14 -29.79 -11.25
C PHE A 171 3.79 -29.80 -10.56
N ASP A 172 2.78 -30.23 -11.30
CA ASP A 172 1.42 -30.25 -10.77
C ASP A 172 1.28 -31.32 -9.70
N THR A 173 0.56 -30.99 -8.63
CA THR A 173 0.38 -31.90 -7.49
C THR A 173 -0.85 -32.80 -7.70
N TYR A 174 -0.73 -33.75 -8.63
CA TYR A 174 -1.85 -34.58 -9.08
C TYR A 174 -2.14 -35.78 -8.20
N HIS A 175 -1.19 -36.21 -7.39
CA HIS A 175 -1.20 -37.52 -6.76
C HIS A 175 -1.74 -37.42 -5.34
N PRO A 176 -2.51 -38.42 -4.87
CA PRO A 176 -2.96 -38.40 -3.46
C PRO A 176 -1.84 -38.23 -2.42
N LYS A 177 -0.61 -38.69 -2.68
CA LYS A 177 0.48 -38.46 -1.73
C LYS A 177 0.79 -36.98 -1.55
N HIS A 178 0.49 -36.15 -2.57
CA HIS A 178 0.76 -34.72 -2.50
C HIS A 178 -0.09 -33.99 -1.46
N HIS A 179 -1.09 -34.65 -0.90
CA HIS A 179 -1.95 -34.06 0.11
C HIS A 179 -1.69 -34.67 1.48
N THR A 180 -0.45 -35.13 1.72
CA THR A 180 -0.04 -35.77 2.97
C THR A 180 1.28 -35.17 3.43
N SER A 181 1.43 -34.96 4.74
CA SER A 181 2.66 -34.37 5.23
C SER A 181 3.85 -35.30 5.00
N GLU A 182 3.63 -36.62 5.08
CA GLU A 182 4.71 -37.58 5.00
C GLU A 182 5.44 -37.52 3.66
N TYR A 183 4.70 -37.29 2.57
CA TYR A 183 5.33 -37.14 1.27
C TYR A 183 6.38 -36.00 1.27
N TYR A 184 6.02 -34.82 1.79
CA TYR A 184 6.97 -33.70 1.80
C TYR A 184 8.16 -34.00 2.71
N LYS A 185 7.92 -34.58 3.88
CA LYS A 185 9.01 -35.01 4.74
C LYS A 185 9.93 -35.99 4.02
N ASN A 186 9.37 -36.97 3.31
CA ASN A 186 10.21 -37.96 2.64
C ASN A 186 10.93 -37.39 1.41
N LEU A 187 10.29 -36.50 0.66
CA LEU A 187 10.96 -35.85 -0.46
C LEU A 187 12.19 -35.07 0.00
N LEU A 188 12.04 -34.28 1.08
CA LEU A 188 13.17 -33.49 1.56
C LEU A 188 14.26 -34.39 2.12
N GLN A 189 13.88 -35.48 2.80
CA GLN A 189 14.87 -36.46 3.25
C GLN A 189 15.59 -37.11 2.07
N ASP A 190 14.82 -37.52 1.04
CA ASP A 190 15.45 -38.17 -0.11
C ASP A 190 16.44 -37.23 -0.80
N LEU A 191 16.14 -35.93 -0.82
CA LEU A 191 17.09 -34.98 -1.40
C LEU A 191 18.25 -34.65 -0.47
N GLN A 192 18.18 -35.08 0.80
CA GLN A 192 19.12 -34.67 1.84
C GLN A 192 19.10 -33.15 2.01
N PHE A 193 17.93 -32.57 1.85
CA PHE A 193 17.71 -31.18 2.12
C PHE A 193 17.33 -30.99 3.59
N GLN A 194 17.49 -29.76 4.05
CA GLN A 194 17.16 -29.40 5.42
C GLN A 194 15.73 -29.83 5.75
N PRO A 195 15.50 -30.46 6.90
CA PRO A 195 14.15 -30.91 7.26
C PRO A 195 13.29 -29.76 7.74
N PRO A 196 12.01 -29.74 7.37
CA PRO A 196 11.13 -28.64 7.76
C PRO A 196 10.44 -28.91 9.10
N SER A 197 9.91 -27.84 9.67
CA SER A 197 9.15 -27.96 10.90
C SER A 197 7.86 -28.75 10.66
N ASP A 198 7.19 -29.08 11.76
CA ASP A 198 5.95 -29.82 11.64
C ASP A 198 4.78 -28.94 11.22
N GLU A 199 4.80 -27.66 11.60
CA GLU A 199 3.75 -26.75 11.13
C GLU A 199 3.81 -26.61 9.62
N LEU A 200 5.02 -26.49 9.06
CA LEU A 200 5.15 -26.32 7.62
C LEU A 200 4.68 -27.56 6.87
N LEU A 201 5.05 -28.75 7.35
CA LEU A 201 4.62 -29.98 6.69
C LEU A 201 3.10 -30.07 6.61
N GLU A 202 2.41 -29.66 7.69
CA GLU A 202 0.96 -29.69 7.65
C GLU A 202 0.42 -28.66 6.68
N LEU A 203 1.06 -27.50 6.59
CA LEU A 203 0.61 -26.51 5.62
C LEU A 203 0.80 -27.00 4.19
N LEU A 204 1.81 -27.84 3.95
CA LEU A 204 2.18 -28.16 2.58
C LEU A 204 1.15 -29.04 1.89
N THR A 205 0.33 -29.77 2.65
CA THR A 205 -0.72 -30.58 2.05
C THR A 205 -1.76 -29.72 1.33
N ASN A 206 -1.84 -28.44 1.66
CA ASN A 206 -2.71 -27.53 0.94
C ASN A 206 -2.21 -27.31 -0.48
N ASN A 207 -3.11 -26.75 -1.31
CA ASN A 207 -2.85 -26.62 -2.75
C ASN A 207 -1.82 -25.52 -2.97
N GLY A 208 -0.62 -25.91 -3.40
CA GLY A 208 0.43 -24.94 -3.67
C GLY A 208 1.24 -25.36 -4.87
N GLU A 209 2.10 -24.44 -5.31
CA GLU A 209 3.07 -24.77 -6.35
C GLU A 209 4.29 -25.43 -5.75
N ILE A 210 4.95 -26.28 -6.55
CA ILE A 210 6.21 -26.88 -6.18
C ILE A 210 7.17 -26.80 -7.36
N ALA A 211 8.36 -26.26 -7.12
CA ALA A 211 9.33 -26.09 -8.18
C ALA A 211 10.67 -26.68 -7.76
N LEU A 212 11.38 -27.19 -8.74
CA LEU A 212 12.69 -27.78 -8.55
C LEU A 212 13.69 -27.02 -9.40
N THR A 213 14.90 -26.84 -8.87
CA THR A 213 15.88 -25.96 -9.49
C THR A 213 17.02 -26.81 -10.00
N PHE A 214 17.33 -26.65 -11.27
CA PHE A 214 18.43 -27.34 -11.88
C PHE A 214 19.34 -26.27 -12.42
N ASN A 215 20.64 -26.55 -12.44
CA ASN A 215 21.60 -25.56 -12.87
C ASN A 215 22.59 -26.23 -13.81
N PHE A 216 23.15 -25.43 -14.71
CA PHE A 216 24.02 -25.97 -15.74
C PHE A 216 25.40 -26.36 -15.20
N ALA A 217 25.81 -25.78 -14.07
CA ALA A 217 27.09 -26.17 -13.48
C ALA A 217 26.98 -27.46 -12.67
N SER A 218 25.83 -27.74 -12.06
CA SER A 218 25.82 -28.81 -11.08
C SER A 218 25.05 -30.02 -11.58
N PRO A 219 25.54 -31.23 -11.26
CA PRO A 219 24.81 -32.46 -11.62
C PRO A 219 23.71 -32.82 -10.64
N ARG A 220 23.56 -32.06 -9.56
CA ARG A 220 22.58 -32.31 -8.52
C ARG A 220 21.39 -31.37 -8.67
N ILE A 221 20.26 -31.82 -8.13
CA ILE A 221 19.13 -30.94 -7.89
C ILE A 221 19.54 -29.96 -6.80
N GLU A 222 19.56 -28.68 -7.14
CA GLU A 222 20.12 -27.68 -6.23
C GLU A 222 19.11 -27.16 -5.21
N ARG A 223 17.83 -27.09 -5.53
CA ARG A 223 16.88 -26.38 -4.68
C ARG A 223 15.48 -26.91 -4.92
N LEU A 224 14.63 -26.61 -3.95
CA LEU A 224 13.23 -26.96 -3.98
C LEU A 224 12.48 -25.79 -3.38
N CYS A 225 11.33 -25.44 -3.96
CA CYS A 225 10.52 -24.35 -3.43
C CYS A 225 9.04 -24.72 -3.45
N PHE A 226 8.38 -24.51 -2.31
CA PHE A 226 6.93 -24.59 -2.23
C PHE A 226 6.34 -23.19 -2.10
N TYR A 227 5.38 -22.85 -2.97
CA TYR A 227 4.64 -21.60 -2.84
C TYR A 227 3.24 -21.92 -2.35
N LEU A 228 2.77 -21.14 -1.38
CA LEU A 228 1.43 -21.27 -0.82
C LEU A 228 0.76 -19.91 -0.74
N PRO A 229 -0.53 -19.83 -1.08
CA PRO A 229 -1.27 -18.58 -0.98
C PRO A 229 -1.94 -18.38 0.37
N PHE A 230 -2.17 -17.12 0.71
CA PHE A 230 -2.82 -16.75 1.95
C PHE A 230 -3.68 -15.52 1.68
N LEU A 231 -4.90 -15.55 2.21
CA LEU A 231 -5.89 -14.56 1.81
C LEU A 231 -5.52 -13.17 2.28
N ASN A 232 -4.90 -13.05 3.44
CA ASN A 232 -4.68 -11.77 4.10
C ASN A 232 -3.62 -11.92 5.18
N ARG A 233 -3.26 -10.79 5.78
CA ARG A 233 -2.26 -10.75 6.85
C ARG A 233 -2.60 -11.71 7.99
N GLU A 234 -3.89 -11.88 8.28
CA GLU A 234 -4.30 -12.77 9.37
C GLU A 234 -3.95 -14.22 9.07
N ALA A 235 -4.09 -14.64 7.81
CA ALA A 235 -3.91 -16.04 7.45
C ALA A 235 -2.45 -16.48 7.43
N VAL A 236 -1.51 -15.57 7.62
CA VAL A 236 -0.11 -15.95 7.47
C VAL A 236 0.37 -16.64 8.75
N PRO A 237 1.02 -17.80 8.63
CA PRO A 237 1.58 -18.45 9.82
C PRO A 237 2.83 -17.73 10.30
N GLN A 238 2.69 -16.88 11.30
CA GLN A 238 3.81 -16.02 11.64
C GLN A 238 4.88 -16.71 12.49
N ASN A 239 4.62 -17.95 12.95
CA ASN A 239 5.67 -18.68 13.65
C ASN A 239 6.81 -19.08 12.73
N LEU A 240 6.56 -19.10 11.43
CA LEU A 240 7.57 -19.50 10.45
C LEU A 240 8.28 -18.30 9.85
N LEU A 241 8.04 -17.11 10.38
CA LEU A 241 8.64 -15.89 9.87
C LEU A 241 9.52 -15.26 10.93
N ASN A 242 10.77 -14.94 10.57
CA ASN A 242 11.60 -14.20 11.49
C ASN A 242 11.04 -12.80 11.68
N PRO A 243 11.48 -12.06 12.71
CA PRO A 243 10.87 -10.74 12.97
C PRO A 243 10.90 -9.82 11.77
N LEU A 244 12.01 -9.77 11.04
CA LEU A 244 12.10 -8.92 9.86
C LEU A 244 11.05 -9.29 8.81
N LEU A 245 10.78 -10.58 8.60
CA LEU A 245 9.75 -10.95 7.64
C LEU A 245 8.35 -10.71 8.21
N LYS A 246 8.17 -10.86 9.52
CA LYS A 246 6.88 -10.55 10.14
C LYS A 246 6.56 -9.07 10.02
N LYS A 247 7.56 -8.20 10.17
CA LYS A 247 7.33 -6.77 9.96
C LYS A 247 6.89 -6.51 8.53
N TYR A 248 7.41 -7.27 7.57
CA TYR A 248 7.05 -7.07 6.18
C TYR A 248 5.59 -7.41 5.94
N ILE A 249 5.13 -8.50 6.55
CA ILE A 249 3.72 -8.90 6.47
C ILE A 249 2.82 -7.75 6.88
N ASN A 250 3.24 -6.99 7.90
CA ASN A 250 2.40 -5.96 8.49
C ASN A 250 2.52 -4.61 7.80
N GLU A 251 3.63 -4.32 7.14
CA GLU A 251 3.84 -3.01 6.54
C GLU A 251 4.10 -3.04 5.05
N ALA A 252 3.95 -4.20 4.40
CA ALA A 252 4.21 -4.29 2.96
C ALA A 252 3.21 -3.44 2.19
N PRO A 253 3.65 -2.66 1.22
CA PRO A 253 2.75 -1.73 0.53
C PRO A 253 1.84 -2.48 -0.43
N ALA A 254 0.57 -2.08 -0.46
CA ALA A 254 -0.36 -2.56 -1.46
C ALA A 254 -1.41 -1.48 -1.70
N LEU A 255 -2.30 -1.75 -2.65
CA LEU A 255 -3.40 -0.86 -2.96
C LEU A 255 -4.72 -1.41 -2.44
N VAL A 256 -4.65 -2.34 -1.49
CA VAL A 256 -5.81 -2.96 -0.88
C VAL A 256 -5.62 -2.89 0.64
N ASP A 257 -6.74 -2.82 1.36
CA ASP A 257 -6.67 -2.81 2.81
C ASP A 257 -5.99 -4.08 3.34
N ASN A 258 -6.48 -5.24 2.91
CA ASN A 258 -5.96 -6.53 3.37
C ASN A 258 -5.46 -7.31 2.16
N PRO A 259 -4.27 -6.99 1.67
CA PRO A 259 -3.74 -7.73 0.53
C PRO A 259 -3.41 -9.15 0.95
N GLY A 260 -3.61 -10.09 0.02
CA GLY A 260 -3.14 -11.43 0.24
C GLY A 260 -1.64 -11.51 0.11
N PHE A 261 -1.11 -12.68 0.47
CA PHE A 261 0.32 -12.94 0.32
C PHE A 261 0.52 -14.31 -0.31
N ILE A 262 1.62 -14.43 -1.05
CA ILE A 262 2.13 -15.74 -1.48
C ILE A 262 3.42 -16.00 -0.72
N LEU A 263 3.43 -17.10 0.04
CA LEU A 263 4.61 -17.46 0.81
C LEU A 263 5.38 -18.60 0.14
N GLY A 264 6.70 -18.45 0.11
CA GLY A 264 7.59 -19.40 -0.52
C GLY A 264 8.63 -19.94 0.45
N TRP A 265 8.79 -21.25 0.48
CA TRP A 265 9.84 -21.86 1.30
C TRP A 265 10.81 -22.54 0.36
N SER A 266 12.02 -22.00 0.29
CA SER A 266 13.13 -22.58 -0.44
C SER A 266 13.86 -23.58 0.46
N PHE A 267 14.25 -24.73 -0.12
CA PHE A 267 15.06 -25.70 0.59
C PHE A 267 16.27 -26.08 -0.25
N GLY A 268 17.40 -26.27 0.43
CA GLY A 268 18.59 -26.79 -0.17
C GLY A 268 19.31 -27.80 0.71
N PRO A 269 20.52 -28.19 0.30
CA PRO A 269 21.29 -29.18 1.06
C PRO A 269 21.35 -28.83 2.53
N GLN A 270 21.12 -29.82 3.38
CA GLN A 270 21.14 -29.60 4.82
C GLN A 270 22.50 -29.11 5.27
N GLY A 271 22.49 -28.16 6.20
CA GLY A 271 23.71 -27.51 6.64
C GLY A 271 24.42 -26.81 5.52
N GLY A 272 23.68 -26.29 4.55
CA GLY A 272 24.28 -25.60 3.42
C GLY A 272 23.48 -24.39 3.01
N LYS A 273 23.67 -23.95 1.77
CA LYS A 273 22.93 -22.85 1.18
C LYS A 273 21.51 -23.30 0.81
N GLY A 274 20.63 -22.32 0.59
CA GLY A 274 19.39 -22.56 -0.11
C GLY A 274 18.12 -22.67 0.71
N THR A 275 18.19 -22.64 2.04
CA THR A 275 16.99 -22.80 2.87
C THR A 275 16.60 -21.44 3.45
N TYR A 276 15.49 -20.87 2.95
CA TYR A 276 15.04 -19.55 3.36
C TYR A 276 13.57 -19.38 2.95
N THR A 277 13.02 -18.21 3.29
CA THR A 277 11.61 -17.90 3.08
C THR A 277 11.44 -16.72 2.12
N LYS A 278 10.45 -16.80 1.25
CA LYS A 278 10.08 -15.70 0.36
C LYS A 278 8.67 -15.24 0.69
N VAL A 279 8.44 -13.94 0.68
CA VAL A 279 7.14 -13.37 1.01
C VAL A 279 6.80 -12.36 -0.06
N ASP A 280 5.70 -12.60 -0.79
CA ASP A 280 5.23 -11.78 -1.90
C ASP A 280 3.93 -11.11 -1.49
N VAL A 281 3.90 -9.78 -1.56
CA VAL A 281 2.65 -9.06 -1.32
C VAL A 281 1.91 -8.97 -2.65
N ASP A 282 0.60 -9.22 -2.60
CA ASP A 282 -0.28 -9.11 -3.77
C ASP A 282 -0.69 -7.65 -3.92
N TYR A 283 0.13 -6.91 -4.68
CA TYR A 283 0.07 -5.46 -4.72
C TYR A 283 -1.26 -4.92 -5.27
N HIS A 284 -1.92 -5.68 -6.15
CA HIS A 284 -3.20 -5.23 -6.68
C HIS A 284 -4.39 -5.91 -6.03
N GLY A 285 -4.17 -6.97 -5.25
CA GLY A 285 -5.25 -7.65 -4.57
C GLY A 285 -6.04 -8.63 -5.42
N ARG A 286 -5.68 -8.80 -6.69
CA ARG A 286 -6.35 -9.76 -7.56
C ARG A 286 -5.49 -10.96 -7.91
N THR A 287 -4.21 -10.93 -7.58
CA THR A 287 -3.36 -12.06 -7.91
C THR A 287 -3.68 -13.30 -7.07
N VAL A 288 -3.64 -13.19 -5.73
CA VAL A 288 -3.89 -14.34 -4.85
C VAL A 288 -5.29 -14.94 -4.99
N PRO A 289 -6.43 -14.16 -4.90
CA PRO A 289 -7.75 -14.85 -4.90
C PRO A 289 -8.02 -15.77 -6.09
N LEU A 290 -7.11 -15.82 -7.08
CA LEU A 290 -7.30 -16.68 -8.23
C LEU A 290 -6.57 -18.01 -7.96
N PHE A 291 -7.06 -18.72 -6.92
CA PHE A 291 -6.54 -20.01 -6.54
C PHE A 291 -6.81 -20.98 -7.66
N MET A 292 -5.78 -21.78 -7.88
CA MET A 292 -5.60 -22.74 -9.01
C MET A 292 -6.50 -22.50 -10.28
N ASN B 2 8.26 1.16 21.77
CA ASN B 2 9.34 2.14 21.77
C ASN B 2 9.22 3.12 20.61
N ASP B 3 8.15 2.98 19.84
CA ASP B 3 7.94 3.84 18.67
C ASP B 3 7.16 5.11 19.00
N VAL B 4 6.23 5.04 19.96
CA VAL B 4 5.56 6.25 20.44
C VAL B 4 6.58 7.28 20.89
N ASN B 5 7.72 6.83 21.42
CA ASN B 5 8.85 7.70 21.71
C ASN B 5 9.17 8.60 20.51
N ARG B 6 9.43 7.97 19.36
CA ARG B 6 9.78 8.70 18.16
C ARG B 6 8.66 9.63 17.73
N ILE B 7 7.41 9.15 17.77
CA ILE B 7 6.30 9.94 17.24
C ILE B 7 6.19 11.27 17.98
N ARG B 8 6.19 11.24 19.32
CA ARG B 8 6.08 12.48 20.10
C ARG B 8 7.29 13.39 19.85
N THR B 9 8.48 12.82 19.78
CA THR B 9 9.68 13.59 19.49
C THR B 9 9.55 14.34 18.17
N ASP B 10 9.05 13.66 17.14
CA ASP B 10 8.97 14.27 15.82
C ASP B 10 7.99 15.43 15.82
N ILE B 11 6.80 15.23 16.39
CA ILE B 11 5.84 16.33 16.49
C ILE B 11 6.47 17.50 17.22
N ILE B 12 7.06 17.21 18.39
CA ILE B 12 7.82 18.17 19.18
C ILE B 12 8.78 18.91 18.26
N ASN B 13 9.55 18.16 17.48
CA ASN B 13 10.61 18.79 16.72
C ASN B 13 10.04 19.68 15.61
N VAL B 14 8.93 19.26 15.00
CA VAL B 14 8.30 20.07 13.97
C VAL B 14 7.88 21.43 14.55
N ALA B 15 7.06 21.41 15.60
CA ALA B 15 6.58 22.64 16.22
C ALA B 15 7.73 23.59 16.55
N LYS B 16 8.80 23.06 17.14
CA LYS B 16 9.99 23.86 17.41
C LYS B 16 10.61 24.38 16.12
N THR B 17 10.77 23.52 15.12
CA THR B 17 11.48 23.90 13.90
C THR B 17 10.78 25.05 13.16
N PHE B 18 9.44 25.03 13.10
CA PHE B 18 8.66 25.98 12.29
C PHE B 18 7.92 27.03 13.10
N GLY B 19 8.25 27.19 14.38
CA GLY B 19 7.66 28.25 15.19
C GLY B 19 6.18 28.11 15.49
N ALA B 20 5.74 26.90 15.83
CA ALA B 20 4.37 26.65 16.27
C ALA B 20 4.35 26.54 17.79
N GLU B 21 3.52 27.34 18.44
CA GLU B 21 3.34 27.24 19.88
C GLU B 21 2.93 25.83 20.27
N TYR B 22 3.49 25.32 21.36
CA TYR B 22 3.35 23.93 21.76
C TYR B 22 3.38 23.85 23.27
N SER B 23 2.87 22.74 23.80
CA SER B 23 2.85 22.47 25.24
C SER B 23 3.28 21.03 25.49
N GLU B 24 4.35 20.86 26.28
CA GLU B 24 4.79 19.51 26.60
C GLU B 24 3.75 18.78 27.43
N LYS B 25 3.05 19.51 28.30
CA LYS B 25 2.09 18.87 29.20
C LYS B 25 0.95 18.24 28.43
N VAL B 26 0.29 19.01 27.55
CA VAL B 26 -0.81 18.44 26.79
C VAL B 26 -0.30 17.31 25.90
N LEU B 27 0.88 17.47 25.31
CA LEU B 27 1.43 16.42 24.44
C LEU B 27 1.64 15.13 25.21
N ASP B 28 2.10 15.22 26.46
CA ASP B 28 2.31 14.01 27.24
C ASP B 28 0.98 13.37 27.63
N GLU B 29 0.03 14.19 28.09
CA GLU B 29 -1.30 13.68 28.43
C GLU B 29 -1.97 13.01 27.24
N VAL B 30 -1.73 13.49 26.03
CA VAL B 30 -2.34 12.88 24.85
C VAL B 30 -1.63 11.58 24.48
N PHE B 31 -0.29 11.61 24.46
CA PHE B 31 0.45 10.41 24.16
C PHE B 31 0.29 9.35 25.22
N GLN B 32 0.11 9.75 26.48
CA GLN B 32 -0.17 8.76 27.53
C GLN B 32 -1.40 7.94 27.18
N VAL B 33 -2.37 8.57 26.53
CA VAL B 33 -3.68 7.99 26.32
C VAL B 33 -3.84 7.46 24.89
N PHE B 34 -3.36 8.22 23.91
CA PHE B 34 -3.49 7.87 22.50
C PHE B 34 -2.18 7.44 21.85
N GLY B 35 -1.07 7.47 22.58
CA GLY B 35 0.23 7.23 21.99
C GLY B 35 0.32 5.92 21.24
N GLU B 36 -0.38 4.89 21.70
CA GLU B 36 -0.34 3.60 21.02
C GLU B 36 -1.04 3.67 19.66
N GLN B 37 -2.26 4.21 19.63
CA GLN B 37 -2.99 4.33 18.37
C GLN B 37 -2.21 5.08 17.32
N PHE B 38 -1.24 5.90 17.73
CA PHE B 38 -0.42 6.59 16.76
C PHE B 38 0.57 5.66 16.10
N ALA B 39 0.97 4.58 16.78
CA ALA B 39 1.92 3.64 16.20
C ALA B 39 1.28 2.65 15.22
N ASP B 40 0.03 2.23 15.47
CA ASP B 40 -0.60 1.15 14.69
C ASP B 40 -1.55 1.63 13.60
N ASN B 41 -1.99 2.88 13.61
CA ASN B 41 -2.94 3.32 12.61
C ASN B 41 -2.29 4.37 11.72
N SER B 42 -3.03 4.74 10.66
CA SER B 42 -2.65 5.89 9.85
C SER B 42 -2.55 7.13 10.74
N PHE B 43 -1.52 7.94 10.51
CA PHE B 43 -1.19 9.03 11.41
C PHE B 43 -0.45 10.11 10.64
N MET B 44 -0.83 11.36 10.84
CA MET B 44 -0.27 12.46 10.08
C MET B 44 0.07 13.64 10.97
N ILE B 45 1.07 14.41 10.53
CA ILE B 45 1.43 15.69 11.17
C ILE B 45 1.12 16.80 10.17
N ARG B 46 0.41 17.83 10.66
CA ARG B 46 -0.09 18.92 9.85
C ARG B 46 0.49 20.25 10.32
N THR B 47 0.92 21.06 9.36
CA THR B 47 1.20 22.47 9.59
C THR B 47 0.30 23.32 8.70
N SER B 48 0.08 24.57 9.09
CA SER B 48 -0.83 25.43 8.35
C SER B 48 -0.38 26.88 8.37
N ASN B 49 -0.95 27.63 7.43
CA ASN B 49 -0.60 28.96 6.99
C ASN B 49 -1.42 30.05 7.68
N LYS B 50 -2.08 29.73 8.79
CA LYS B 50 -3.17 30.60 9.26
C LYS B 50 -2.64 31.97 9.63
N GLN B 51 -1.45 32.02 10.20
CA GLN B 51 -0.70 33.24 10.38
C GLN B 51 0.36 33.35 9.28
N PRO B 52 0.56 34.56 8.74
CA PRO B 52 1.43 34.70 7.56
C PRO B 52 2.86 34.24 7.80
N ASP B 53 3.31 34.24 9.04
CA ASP B 53 4.71 34.02 9.36
C ASP B 53 5.01 32.73 10.11
N LYS B 54 4.08 32.26 10.95
CA LYS B 54 4.31 31.07 11.76
C LYS B 54 3.33 29.98 11.39
N LEU B 55 3.86 28.78 11.14
CA LEU B 55 3.00 27.61 10.95
C LEU B 55 2.41 27.20 12.29
N GLY B 56 1.12 26.93 12.31
CA GLY B 56 0.57 26.16 13.40
C GLY B 56 0.86 24.69 13.17
N CYS B 57 0.68 23.90 14.21
CA CYS B 57 1.07 22.50 14.12
C CYS B 57 -0.01 21.63 14.73
N TYR B 58 -0.36 20.58 14.01
CA TYR B 58 -1.41 19.69 14.44
C TYR B 58 -0.99 18.28 14.05
N PHE B 59 -1.59 17.30 14.70
CA PHE B 59 -1.39 15.91 14.35
C PHE B 59 -2.70 15.16 14.55
N ARG B 60 -2.84 14.06 13.80
CA ARG B 60 -4.09 13.32 13.75
C ARG B 60 -3.82 11.86 13.43
N TYR B 61 -4.80 11.02 13.77
CA TYR B 61 -4.76 9.62 13.37
C TYR B 61 -6.18 9.20 12.96
N HIS B 62 -6.27 8.07 12.30
CA HIS B 62 -7.57 7.60 11.85
C HIS B 62 -7.59 6.07 11.80
N GLU B 63 -8.74 5.51 12.16
CA GLU B 63 -8.88 4.10 12.47
C GLU B 63 -9.80 3.42 11.46
N GLU B 64 -9.25 2.48 10.70
CA GLU B 64 -10.02 1.69 9.74
C GLU B 64 -10.33 0.28 10.22
N ASP B 65 -9.72 -0.17 11.31
CA ASP B 65 -10.01 -1.51 11.84
C ASP B 65 -11.41 -1.51 12.45
N GLU B 66 -12.30 -2.33 11.87
CA GLU B 66 -13.69 -2.31 12.27
C GLU B 66 -13.85 -2.53 13.77
N SER B 67 -13.07 -3.45 14.34
CA SER B 67 -13.17 -3.82 15.75
C SER B 67 -12.83 -2.66 16.70
N GLN B 68 -12.21 -1.60 16.19
CA GLN B 68 -11.76 -0.49 17.01
C GLN B 68 -12.62 0.77 16.88
N LEU B 69 -13.57 0.80 15.94
CA LEU B 69 -14.41 1.98 15.75
C LEU B 69 -15.14 2.33 17.05
N GLY B 70 -15.06 3.59 17.45
CA GLY B 70 -15.63 4.07 18.68
C GLY B 70 -14.64 4.24 19.81
N LEU B 71 -13.50 3.55 19.73
CA LEU B 71 -12.47 3.62 20.77
C LEU B 71 -11.87 5.01 20.92
N ALA B 72 -11.76 5.77 19.82
CA ALA B 72 -11.26 7.14 19.90
C ALA B 72 -12.15 7.99 20.81
N TRP B 73 -13.45 7.96 20.56
CA TRP B 73 -14.40 8.71 21.38
C TRP B 73 -14.41 8.19 22.82
N ASP B 74 -14.52 6.88 23.00
CA ASP B 74 -14.55 6.29 24.34
C ASP B 74 -13.31 6.66 25.14
N ILE B 75 -12.13 6.60 24.49
CA ILE B 75 -10.86 6.93 25.15
C ILE B 75 -10.82 8.41 25.52
N ALA B 76 -11.26 9.27 24.60
CA ALA B 76 -11.20 10.70 24.83
C ALA B 76 -12.01 11.11 26.05
N ARG B 77 -13.14 10.45 26.29
CA ARG B 77 -14.04 10.84 27.37
C ARG B 77 -13.66 10.22 28.71
N LYS B 78 -13.14 8.99 28.69
CA LYS B 78 -12.73 8.38 29.95
C LYS B 78 -11.43 8.98 30.46
N SER B 79 -10.60 9.49 29.55
CA SER B 79 -9.34 10.14 29.90
C SER B 79 -9.50 11.61 30.29
N GLY B 80 -10.68 12.20 30.06
CA GLY B 80 -10.89 13.60 30.36
C GLY B 80 -10.36 14.57 29.33
N LEU B 81 -9.60 14.10 28.34
CA LEU B 81 -9.13 14.98 27.27
C LEU B 81 -10.30 15.60 26.51
N LEU B 82 -11.43 14.91 26.48
CA LEU B 82 -12.68 15.45 25.94
C LEU B 82 -13.74 15.37 27.03
N SER B 83 -14.39 16.50 27.29
CA SER B 83 -15.42 16.58 28.32
C SER B 83 -16.59 17.35 27.73
N ASP B 84 -17.76 16.69 27.63
CA ASP B 84 -18.94 17.35 27.09
C ASP B 84 -19.47 18.30 28.16
N GLN B 85 -19.16 19.58 27.98
CA GLN B 85 -19.63 20.63 28.89
C GLN B 85 -20.90 21.28 28.36
N GLY B 86 -21.86 20.44 27.96
CA GLY B 86 -23.19 20.87 27.58
C GLY B 86 -23.37 21.26 26.12
N ARG B 87 -22.30 21.75 25.47
CA ARG B 87 -22.30 22.29 24.11
C ARG B 87 -23.21 21.56 23.14
N PRO B 88 -23.71 22.24 22.09
CA PRO B 88 -24.56 21.54 21.11
C PRO B 88 -23.79 20.48 20.33
N VAL B 89 -22.50 20.70 20.14
CA VAL B 89 -21.59 19.76 19.51
C VAL B 89 -21.45 18.46 20.28
N ASP B 90 -21.83 18.44 21.57
CA ASP B 90 -21.54 17.28 22.43
C ASP B 90 -22.42 16.09 22.10
N GLN B 91 -23.64 16.32 21.64
CA GLN B 91 -24.55 15.23 21.34
C GLN B 91 -24.23 14.52 20.04
N LEU B 92 -23.33 15.06 19.24
CA LEU B 92 -23.32 14.73 17.81
C LEU B 92 -22.72 13.36 17.52
N ILE B 93 -21.54 13.06 18.05
CA ILE B 93 -20.92 11.76 17.78
C ILE B 93 -21.81 10.61 18.23
N PRO B 94 -22.44 10.66 19.41
CA PRO B 94 -23.40 9.59 19.73
C PRO B 94 -24.57 9.53 18.77
N GLU B 95 -25.09 10.69 18.32
CA GLU B 95 -26.21 10.67 17.37
C GLU B 95 -25.80 10.06 16.04
N ILE B 96 -24.54 10.29 15.63
CA ILE B 96 -24.06 9.76 14.36
C ILE B 96 -23.91 8.25 14.43
N CYS B 97 -23.39 7.74 15.54
CA CYS B 97 -23.19 6.30 15.68
C CYS B 97 -24.52 5.54 15.83
N GLU B 98 -25.54 6.18 16.42
CA GLU B 98 -26.88 5.61 16.43
C GLU B 98 -27.57 5.66 15.06
N THR B 99 -27.07 6.46 14.12
CA THR B 99 -27.78 6.70 12.87
C THR B 99 -27.12 6.08 11.65
N PHE B 100 -25.79 6.03 11.59
CA PHE B 100 -25.13 5.65 10.35
C PHE B 100 -24.05 4.61 10.61
N PRO B 101 -23.95 3.60 9.75
CA PRO B 101 -22.84 2.65 9.87
C PRO B 101 -21.53 3.38 9.61
N ILE B 102 -20.61 3.24 10.57
CA ILE B 102 -19.32 3.93 10.57
C ILE B 102 -18.27 2.97 10.01
N MET B 103 -17.45 3.46 9.09
CA MET B 103 -16.37 2.63 8.58
C MET B 103 -14.99 3.11 9.02
N ALA B 104 -14.88 4.33 9.54
CA ALA B 104 -13.62 4.84 10.04
C ALA B 104 -13.90 6.04 10.92
N ASP B 105 -13.02 6.25 11.90
CA ASP B 105 -13.04 7.46 12.72
C ASP B 105 -11.60 7.90 13.00
N GLY B 106 -11.47 9.08 13.64
CA GLY B 106 -10.18 9.71 13.84
C GLY B 106 -10.26 10.84 14.85
N VAL B 107 -9.09 11.36 15.21
CA VAL B 107 -8.97 12.45 16.18
C VAL B 107 -7.88 13.39 15.70
N ASP B 108 -8.08 14.70 15.86
CA ASP B 108 -7.07 15.69 15.53
C ASP B 108 -6.66 16.43 16.79
N PHE B 109 -5.37 16.71 16.91
CA PHE B 109 -4.85 17.35 18.11
C PHE B 109 -4.11 18.63 17.75
N ASP B 110 -4.31 19.65 18.59
CA ASP B 110 -3.56 20.89 18.51
C ASP B 110 -2.35 20.72 19.41
N VAL B 111 -1.18 21.15 18.93
CA VAL B 111 0.05 21.03 19.72
C VAL B 111 -0.07 21.78 21.04
N LYS B 112 -0.73 22.94 21.01
CA LYS B 112 -0.91 23.80 22.17
C LYS B 112 -2.12 23.39 23.00
N HIS B 113 -3.25 23.11 22.36
CA HIS B 113 -4.50 22.97 23.10
C HIS B 113 -5.01 21.54 23.17
N GLY B 114 -4.34 20.58 22.53
CA GLY B 114 -4.71 19.19 22.65
C GLY B 114 -5.86 18.79 21.74
N LEU B 115 -6.77 17.98 22.26
CA LEU B 115 -7.82 17.36 21.48
C LEU B 115 -8.72 18.42 20.84
N ALA B 116 -8.76 18.43 19.51
CA ALA B 116 -9.40 19.49 18.74
C ALA B 116 -10.63 19.04 17.98
N LYS B 117 -10.51 17.92 17.27
CA LYS B 117 -11.53 17.45 16.35
C LYS B 117 -11.65 15.92 16.49
N ILE B 118 -12.88 15.42 16.46
CA ILE B 118 -13.13 14.01 16.20
C ILE B 118 -13.97 13.91 14.94
N TRP B 119 -13.63 12.95 14.08
CA TRP B 119 -14.40 12.71 12.88
C TRP B 119 -14.72 11.24 12.68
N GLN B 120 -15.69 11.04 11.79
CA GLN B 120 -16.37 9.77 11.55
C GLN B 120 -16.61 9.63 10.05
N SER B 121 -16.47 8.41 9.54
CA SER B 121 -16.71 8.10 8.15
C SER B 121 -17.91 7.16 8.07
N ILE B 122 -18.86 7.51 7.23
CA ILE B 122 -19.97 6.63 6.97
C ILE B 122 -19.51 5.50 6.05
N LYS B 123 -20.12 4.34 6.23
CA LYS B 123 -20.03 3.27 5.25
C LYS B 123 -20.93 3.66 4.07
N GLY B 124 -20.32 3.89 2.92
CA GLY B 124 -21.05 4.42 1.79
C GLY B 124 -21.35 5.90 1.95
N VAL B 125 -22.26 6.37 1.09
CA VAL B 125 -22.69 7.76 1.06
C VAL B 125 -24.20 7.79 1.29
N VAL B 126 -24.65 8.84 1.95
CA VAL B 126 -26.08 9.06 2.14
C VAL B 126 -26.43 10.43 1.58
N PRO B 127 -27.65 10.62 1.09
CA PRO B 127 -28.13 11.98 0.80
C PRO B 127 -28.02 12.82 2.07
N VAL B 128 -27.49 14.04 1.92
CA VAL B 128 -27.19 14.88 3.07
C VAL B 128 -28.46 15.14 3.90
N GLN B 129 -29.64 15.07 3.28
CA GLN B 129 -30.88 15.25 4.04
C GLN B 129 -31.09 14.16 5.09
N ASP B 130 -30.44 13.00 4.96
CA ASP B 130 -30.56 11.96 5.98
C ASP B 130 -29.96 12.40 7.31
N ALA B 131 -28.99 13.31 7.29
CA ALA B 131 -28.35 13.81 8.50
C ALA B 131 -29.12 14.96 9.15
N PHE B 132 -30.26 15.37 8.57
CA PHE B 132 -30.92 16.59 9.00
C PHE B 132 -31.55 16.49 10.38
N LYS B 133 -31.76 15.29 10.91
CA LYS B 133 -32.34 15.18 12.24
C LYS B 133 -31.31 15.08 13.35
N LEU B 134 -30.03 15.07 13.03
CA LEU B 134 -28.99 15.20 14.04
C LEU B 134 -28.96 16.63 14.59
N SER B 135 -28.22 16.81 15.69
CA SER B 135 -28.08 18.14 16.27
C SER B 135 -27.04 18.98 15.54
N LEU B 136 -27.14 19.07 14.21
CA LEU B 136 -26.21 19.88 13.43
C LEU B 136 -26.58 21.37 13.53
N PRO B 137 -25.66 22.26 13.17
CA PRO B 137 -26.02 23.69 13.11
C PRO B 137 -27.21 23.89 12.18
N ALA B 138 -28.06 24.87 12.53
CA ALA B 138 -29.24 25.12 11.72
C ALA B 138 -28.89 25.51 10.29
N SER B 139 -27.68 26.04 10.06
CA SER B 139 -27.26 26.40 8.71
C SER B 139 -27.12 25.20 7.75
N VAL B 140 -27.15 23.95 8.23
CA VAL B 140 -27.06 22.83 7.29
C VAL B 140 -28.40 22.66 6.56
N THR B 141 -29.47 22.53 7.33
CA THR B 141 -30.80 22.45 6.76
C THR B 141 -31.13 23.65 5.87
N THR B 142 -30.80 24.87 6.32
CA THR B 142 -31.24 26.03 5.54
C THR B 142 -30.45 26.17 4.26
N HIS B 143 -29.38 25.43 4.10
CA HIS B 143 -28.62 25.47 2.85
C HIS B 143 -28.85 24.21 2.02
N SER B 144 -29.94 23.45 2.29
CA SER B 144 -30.07 22.17 1.59
C SER B 144 -30.34 22.36 0.11
N ASP B 145 -30.98 23.47 -0.29
CA ASP B 145 -31.12 23.74 -1.73
C ASP B 145 -29.76 24.12 -2.36
N PHE B 146 -28.94 24.89 -1.64
CA PHE B 146 -27.61 25.20 -2.17
C PHE B 146 -26.75 23.93 -2.29
N LEU B 147 -26.77 23.07 -1.28
CA LEU B 147 -26.06 21.79 -1.34
C LEU B 147 -26.52 20.97 -2.54
N LYS B 148 -27.84 20.90 -2.77
CA LYS B 148 -28.34 20.13 -3.90
C LYS B 148 -27.95 20.78 -5.23
N ASN B 149 -28.13 22.11 -5.32
CA ASN B 149 -27.83 22.84 -6.55
C ASN B 149 -26.37 22.76 -6.93
N HIS B 150 -25.47 22.54 -5.97
CA HIS B 150 -24.05 22.41 -6.32
C HIS B 150 -23.53 20.97 -6.16
N HIS B 151 -24.42 19.97 -6.14
CA HIS B 151 -24.02 18.56 -5.99
C HIS B 151 -23.08 18.33 -4.81
N LEU B 152 -23.36 19.02 -3.71
CA LEU B 152 -22.69 18.81 -2.44
C LEU B 152 -23.71 18.17 -1.53
N ASP B 153 -24.26 17.05 -1.99
CA ASP B 153 -25.28 16.34 -1.24
C ASP B 153 -24.98 14.87 -1.07
N ALA B 154 -23.86 14.36 -1.59
CA ALA B 154 -23.41 12.99 -1.33
C ALA B 154 -22.52 13.00 -0.08
N LEU B 155 -23.17 12.96 1.09
CA LEU B 155 -22.49 13.06 2.38
C LEU B 155 -21.83 11.74 2.79
N TYR B 156 -20.57 11.82 3.27
CA TYR B 156 -19.95 10.60 3.77
C TYR B 156 -19.07 10.74 5.01
N ALA B 157 -18.86 11.94 5.56
CA ALA B 157 -18.08 12.05 6.79
C ALA B 157 -18.44 13.32 7.56
N PHE B 158 -18.29 13.26 8.89
CA PHE B 158 -18.54 14.38 9.79
C PHE B 158 -17.28 14.68 10.56
N GLY B 159 -16.86 15.95 10.54
CA GLY B 159 -15.82 16.39 11.43
C GLY B 159 -16.36 17.32 12.49
N ILE B 160 -16.14 16.95 13.73
CA ILE B 160 -16.78 17.59 14.87
C ILE B 160 -15.72 18.38 15.60
N ASP B 161 -15.75 19.70 15.45
CA ASP B 161 -14.65 20.55 15.95
C ASP B 161 -15.04 21.11 17.32
N TYR B 162 -14.46 20.54 18.37
CA TYR B 162 -14.85 20.93 19.71
C TYR B 162 -14.28 22.27 20.15
N HIS B 163 -13.25 22.77 19.46
CA HIS B 163 -12.64 24.04 19.85
C HIS B 163 -13.43 25.24 19.34
N HIS B 164 -14.02 25.12 18.15
CA HIS B 164 -14.73 26.22 17.51
C HIS B 164 -16.24 26.01 17.46
N SER B 165 -16.74 24.96 18.11
CA SER B 165 -18.16 24.58 18.04
C SER B 165 -18.67 24.56 16.60
N SER B 166 -17.90 23.94 15.73
CA SER B 166 -18.23 23.89 14.31
C SER B 166 -18.28 22.44 13.88
N VAL B 167 -18.73 22.24 12.65
CA VAL B 167 -18.92 20.91 12.06
C VAL B 167 -18.50 20.96 10.61
N ASN B 168 -17.72 19.97 10.19
CA ASN B 168 -17.29 19.81 8.80
C ASN B 168 -18.07 18.66 8.19
N LEU B 169 -18.80 18.93 7.11
CA LEU B 169 -19.46 17.89 6.34
C LEU B 169 -18.62 17.64 5.10
N TYR B 170 -18.35 16.36 4.80
CA TYR B 170 -17.56 15.96 3.64
C TYR B 170 -18.45 15.35 2.55
N PHE B 171 -18.18 15.74 1.30
CA PHE B 171 -19.07 15.43 0.19
C PHE B 171 -18.33 14.73 -0.92
N ASP B 172 -18.92 13.64 -1.39
CA ASP B 172 -18.34 12.84 -2.46
C ASP B 172 -18.52 13.55 -3.79
N THR B 173 -17.45 13.59 -4.60
CA THR B 173 -17.46 14.27 -5.90
C THR B 173 -18.01 13.36 -7.02
N TYR B 174 -19.32 13.06 -6.93
CA TYR B 174 -19.91 12.05 -7.81
C TYR B 174 -20.21 12.57 -9.22
N HIS B 175 -20.29 13.88 -9.42
CA HIS B 175 -20.94 14.49 -10.58
C HIS B 175 -19.93 14.84 -11.66
N PRO B 176 -20.25 14.70 -12.96
CA PRO B 176 -19.27 15.07 -13.98
C PRO B 176 -18.75 16.50 -13.85
N LYS B 177 -19.59 17.44 -13.42
CA LYS B 177 -19.12 18.79 -13.15
C LYS B 177 -17.95 18.84 -12.16
N HIS B 178 -17.87 17.87 -11.23
CA HIS B 178 -16.78 17.82 -10.25
C HIS B 178 -15.40 17.63 -10.87
N HIS B 179 -15.32 17.26 -12.15
CA HIS B 179 -14.06 17.12 -12.85
C HIS B 179 -13.79 18.28 -13.78
N THR B 180 -14.44 19.42 -13.56
CA THR B 180 -14.19 20.60 -14.37
C THR B 180 -13.81 21.78 -13.48
N SER B 181 -12.97 22.66 -14.02
CA SER B 181 -12.49 23.80 -13.26
C SER B 181 -13.61 24.83 -13.07
N GLU B 182 -14.47 25.01 -14.07
CA GLU B 182 -15.52 26.01 -13.94
C GLU B 182 -16.42 25.76 -12.74
N TYR B 183 -16.59 24.49 -12.35
CA TYR B 183 -17.38 24.19 -11.18
C TYR B 183 -16.81 24.81 -9.90
N TYR B 184 -15.48 24.70 -9.71
CA TYR B 184 -14.89 25.22 -8.48
C TYR B 184 -14.87 26.74 -8.50
N LYS B 185 -14.56 27.33 -9.66
CA LYS B 185 -14.63 28.77 -9.79
C LYS B 185 -16.04 29.28 -9.47
N ASN B 186 -17.06 28.59 -9.98
CA ASN B 186 -18.44 29.03 -9.76
C ASN B 186 -18.89 28.76 -8.33
N LEU B 187 -18.49 27.62 -7.75
CA LEU B 187 -18.81 27.37 -6.35
C LEU B 187 -18.35 28.52 -5.47
N LEU B 188 -17.12 28.98 -5.68
CA LEU B 188 -16.53 29.96 -4.79
C LEU B 188 -17.16 31.35 -4.99
N GLN B 189 -17.49 31.72 -6.22
CA GLN B 189 -18.23 32.96 -6.45
C GLN B 189 -19.60 32.90 -5.78
N ASP B 190 -20.31 31.78 -5.95
CA ASP B 190 -21.63 31.65 -5.32
C ASP B 190 -21.53 31.78 -3.81
N LEU B 191 -20.42 31.34 -3.23
CA LEU B 191 -20.29 31.49 -1.80
C LEU B 191 -19.79 32.88 -1.42
N GLN B 192 -19.38 33.68 -2.41
CA GLN B 192 -18.65 34.93 -2.22
C GLN B 192 -17.36 34.71 -1.43
N PHE B 193 -16.72 33.57 -1.65
CA PHE B 193 -15.42 33.29 -1.05
C PHE B 193 -14.28 33.85 -1.92
N GLN B 194 -13.10 33.96 -1.31
CA GLN B 194 -11.91 34.33 -2.05
C GLN B 194 -11.78 33.45 -3.31
N PRO B 195 -11.52 34.05 -4.48
CA PRO B 195 -11.34 33.23 -5.68
C PRO B 195 -10.01 32.52 -5.66
N PRO B 196 -9.91 31.37 -6.31
CA PRO B 196 -8.64 30.64 -6.39
C PRO B 196 -7.88 31.00 -7.66
N SER B 197 -6.59 30.70 -7.63
CA SER B 197 -5.75 30.89 -8.80
C SER B 197 -6.08 29.86 -9.88
N ASP B 198 -5.71 30.21 -11.11
CA ASP B 198 -5.90 29.30 -12.24
C ASP B 198 -5.13 27.99 -12.03
N GLU B 199 -3.97 28.04 -11.39
CA GLU B 199 -3.21 26.81 -11.13
C GLU B 199 -3.97 25.88 -10.18
N LEU B 200 -4.57 26.43 -9.12
CA LEU B 200 -5.29 25.59 -8.17
C LEU B 200 -6.55 24.99 -8.82
N LEU B 201 -7.26 25.80 -9.63
CA LEU B 201 -8.46 25.32 -10.31
C LEU B 201 -8.15 24.12 -11.20
N GLU B 202 -7.03 24.18 -11.90
CA GLU B 202 -6.59 23.03 -12.69
C GLU B 202 -6.29 21.83 -11.80
N LEU B 203 -5.76 22.06 -10.59
CA LEU B 203 -5.51 20.93 -9.68
C LEU B 203 -6.82 20.34 -9.15
N LEU B 204 -7.81 21.20 -8.86
CA LEU B 204 -9.03 20.74 -8.19
C LEU B 204 -9.84 19.76 -9.02
N THR B 205 -9.52 19.58 -10.30
CA THR B 205 -10.24 18.59 -11.09
C THR B 205 -9.82 17.16 -10.76
N ASN B 206 -8.64 16.97 -10.15
CA ASN B 206 -8.24 15.65 -9.69
C ASN B 206 -8.94 15.25 -8.40
N ASN B 207 -9.87 16.11 -7.96
CA ASN B 207 -10.25 16.26 -6.56
C ASN B 207 -10.32 14.96 -5.78
N GLY B 208 -9.87 15.05 -4.53
CA GLY B 208 -10.11 14.08 -3.49
C GLY B 208 -11.27 14.54 -2.65
N GLU B 209 -11.02 15.35 -1.62
CA GLU B 209 -12.01 15.71 -0.61
C GLU B 209 -12.48 17.16 -0.72
N ILE B 210 -13.79 17.34 -0.52
CA ILE B 210 -14.43 18.62 -0.32
C ILE B 210 -15.13 18.59 1.03
N ALA B 211 -14.93 19.63 1.84
CA ALA B 211 -15.67 19.74 3.09
C ALA B 211 -16.17 21.16 3.30
N LEU B 212 -17.36 21.26 3.88
CA LEU B 212 -17.97 22.54 4.21
C LEU B 212 -18.08 22.66 5.71
N THR B 213 -17.84 23.86 6.19
CA THR B 213 -17.86 24.14 7.62
C THR B 213 -19.11 24.89 8.00
N PHE B 214 -19.79 24.39 9.02
CA PHE B 214 -20.98 25.01 9.58
C PHE B 214 -20.73 25.22 11.07
N ASN B 215 -21.13 26.39 11.56
CA ASN B 215 -20.97 26.74 12.96
C ASN B 215 -22.36 26.97 13.56
N PHE B 216 -22.48 26.69 14.86
CA PHE B 216 -23.74 26.90 15.56
C PHE B 216 -24.06 28.37 15.79
N ALA B 217 -23.06 29.24 15.77
CA ALA B 217 -23.28 30.66 15.97
C ALA B 217 -23.55 31.40 14.66
N SER B 218 -23.49 30.73 13.52
CA SER B 218 -23.57 31.47 12.27
C SER B 218 -24.65 30.88 11.38
N PRO B 219 -25.47 31.74 10.75
CA PRO B 219 -26.42 31.25 9.74
C PRO B 219 -25.75 30.91 8.42
N ARG B 220 -24.49 31.29 8.24
CA ARG B 220 -23.84 31.17 6.95
C ARG B 220 -22.96 29.94 6.90
N ILE B 221 -22.68 29.49 5.68
CA ILE B 221 -21.56 28.59 5.44
C ILE B 221 -20.28 29.39 5.73
N GLU B 222 -19.44 28.88 6.64
CA GLU B 222 -18.35 29.67 7.19
C GLU B 222 -17.05 29.46 6.38
N ARG B 223 -16.81 28.23 5.93
CA ARG B 223 -15.54 27.83 5.29
C ARG B 223 -15.78 26.64 4.39
N LEU B 224 -14.89 26.50 3.41
CA LEU B 224 -14.83 25.37 2.51
C LEU B 224 -13.36 24.93 2.37
N CYS B 225 -13.13 23.63 2.22
CA CYS B 225 -11.77 23.15 2.15
C CYS B 225 -11.66 22.03 1.12
N PHE B 226 -10.68 22.17 0.23
CA PHE B 226 -10.31 21.13 -0.71
C PHE B 226 -9.04 20.44 -0.22
N TYR B 227 -9.01 19.11 -0.32
CA TYR B 227 -7.86 18.31 0.07
C TYR B 227 -7.40 17.49 -1.12
N LEU B 228 -6.12 17.61 -1.49
CA LEU B 228 -5.56 16.80 -2.56
C LEU B 228 -4.39 15.95 -2.08
N PRO B 229 -4.32 14.68 -2.51
CA PRO B 229 -3.16 13.85 -2.22
C PRO B 229 -2.07 14.06 -3.27
N PHE B 230 -0.82 13.92 -2.81
CA PHE B 230 0.34 14.01 -3.68
C PHE B 230 1.32 12.90 -3.31
N LEU B 231 1.78 12.17 -4.33
CA LEU B 231 2.46 10.90 -4.10
C LEU B 231 3.74 11.09 -3.30
N ASN B 232 4.52 12.12 -3.61
CA ASN B 232 5.82 12.30 -2.99
C ASN B 232 6.11 13.78 -2.83
N ARG B 233 7.31 14.09 -2.33
CA ARG B 233 7.71 15.47 -2.16
C ARG B 233 7.84 16.18 -3.51
N GLU B 234 8.36 15.49 -4.52
CA GLU B 234 8.49 16.08 -5.85
C GLU B 234 7.14 16.28 -6.54
N ALA B 235 6.10 15.56 -6.13
CA ALA B 235 4.79 15.71 -6.75
C ALA B 235 4.04 16.94 -6.24
N VAL B 236 4.47 17.51 -5.13
CA VAL B 236 3.78 18.65 -4.53
C VAL B 236 4.06 19.91 -5.34
N PRO B 237 3.05 20.75 -5.61
CA PRO B 237 3.29 22.00 -6.36
C PRO B 237 3.69 23.18 -5.48
N GLN B 238 4.93 23.64 -5.59
CA GLN B 238 5.44 24.56 -4.59
C GLN B 238 5.17 26.03 -4.91
N ASN B 239 4.69 26.35 -6.13
CA ASN B 239 4.26 27.72 -6.40
C ASN B 239 3.17 28.16 -5.44
N LEU B 240 2.35 27.22 -5.01
CA LEU B 240 1.22 27.50 -4.13
C LEU B 240 1.61 27.38 -2.66
N LEU B 241 2.88 27.17 -2.37
CA LEU B 241 3.38 27.14 -1.01
C LEU B 241 4.27 28.36 -0.78
N ASN B 242 4.12 28.96 0.40
CA ASN B 242 5.01 30.02 0.83
C ASN B 242 6.29 29.37 1.34
N PRO B 243 7.33 30.17 1.66
CA PRO B 243 8.62 29.55 1.99
C PRO B 243 8.57 28.54 3.13
N LEU B 244 7.92 28.90 4.24
CA LEU B 244 7.84 27.99 5.39
C LEU B 244 7.21 26.66 5.02
N LEU B 245 6.20 26.67 4.13
CA LEU B 245 5.59 25.41 3.73
C LEU B 245 6.45 24.67 2.72
N LYS B 246 7.06 25.39 1.77
CA LYS B 246 8.10 24.77 0.94
C LYS B 246 9.11 24.04 1.81
N LYS B 247 9.54 24.69 2.90
CA LYS B 247 10.50 24.08 3.80
C LYS B 247 9.91 22.84 4.48
N TYR B 248 8.61 22.88 4.82
CA TYR B 248 8.01 21.75 5.52
C TYR B 248 8.01 20.51 4.63
N ILE B 249 7.80 20.69 3.32
CA ILE B 249 7.82 19.54 2.40
C ILE B 249 9.19 18.87 2.43
N ASN B 250 10.25 19.66 2.56
CA ASN B 250 11.60 19.14 2.52
C ASN B 250 12.12 18.69 3.89
N GLU B 251 11.35 18.88 4.97
CA GLU B 251 11.85 18.52 6.30
C GLU B 251 10.79 17.87 7.20
N ALA B 252 9.67 17.39 6.63
CA ALA B 252 8.67 16.75 7.48
C ALA B 252 9.05 15.30 7.76
N PRO B 253 8.89 14.83 8.99
CA PRO B 253 9.42 13.51 9.36
C PRO B 253 8.46 12.38 9.04
N ALA B 254 9.03 11.24 8.68
CA ALA B 254 8.25 10.05 8.36
C ALA B 254 9.15 8.81 8.43
N LEU B 255 8.53 7.68 8.77
CA LEU B 255 9.24 6.39 8.89
C LEU B 255 9.55 5.76 7.53
N VAL B 256 9.31 6.48 6.43
CA VAL B 256 9.84 6.09 5.13
C VAL B 256 10.62 7.29 4.62
N ASP B 257 11.23 7.17 3.44
CA ASP B 257 12.03 8.27 2.95
C ASP B 257 11.27 9.20 2.01
N ASN B 258 10.30 8.68 1.26
CA ASN B 258 9.47 9.49 0.37
C ASN B 258 8.01 9.20 0.68
N PRO B 259 7.45 9.86 1.69
CA PRO B 259 6.04 9.64 2.06
C PRO B 259 5.12 10.43 1.14
N GLY B 260 3.84 10.15 1.28
CA GLY B 260 2.84 10.96 0.63
C GLY B 260 2.51 12.20 1.43
N PHE B 261 2.03 13.21 0.72
CA PHE B 261 1.59 14.47 1.32
C PHE B 261 0.17 14.77 0.88
N ILE B 262 -0.57 15.40 1.78
CA ILE B 262 -1.90 15.92 1.50
C ILE B 262 -1.88 17.43 1.68
N LEU B 263 -2.35 18.15 0.67
CA LEU B 263 -2.45 19.59 0.74
C LEU B 263 -3.91 20.01 0.87
N GLY B 264 -4.14 20.97 1.74
CA GLY B 264 -5.48 21.49 2.00
C GLY B 264 -5.53 22.97 1.70
N TRP B 265 -6.60 23.39 1.02
CA TRP B 265 -6.84 24.79 0.72
C TRP B 265 -8.18 25.16 1.32
N SER B 266 -8.12 26.04 2.32
CA SER B 266 -9.25 26.56 3.04
C SER B 266 -9.65 27.90 2.44
N PHE B 267 -10.95 28.12 2.32
CA PHE B 267 -11.47 29.33 1.70
C PHE B 267 -12.58 29.85 2.59
N GLY B 268 -12.59 31.15 2.81
CA GLY B 268 -13.68 31.82 3.48
C GLY B 268 -14.07 33.08 2.75
N PRO B 269 -14.96 33.86 3.34
CA PRO B 269 -15.46 35.09 2.71
C PRO B 269 -14.34 35.98 2.15
N GLN B 270 -14.57 36.51 0.94
CA GLN B 270 -13.69 37.51 0.36
C GLN B 270 -13.48 38.64 1.35
N GLY B 271 -12.22 39.00 1.55
CA GLY B 271 -11.89 40.03 2.52
C GLY B 271 -11.96 39.58 3.96
N GLY B 272 -12.18 38.29 4.22
CA GLY B 272 -12.30 37.85 5.59
C GLY B 272 -11.23 36.89 6.02
N LYS B 273 -11.49 36.17 7.11
CA LYS B 273 -10.69 35.01 7.49
C LYS B 273 -11.13 33.78 6.70
N GLY B 274 -10.35 32.72 6.83
CA GLY B 274 -10.72 31.43 6.29
C GLY B 274 -9.92 30.95 5.10
N THR B 275 -9.05 31.79 4.51
CA THR B 275 -8.23 31.40 3.37
C THR B 275 -6.78 31.19 3.81
N TYR B 276 -6.27 29.97 3.63
CA TYR B 276 -4.92 29.54 4.00
C TYR B 276 -4.69 28.12 3.49
N THR B 277 -3.46 27.64 3.66
CA THR B 277 -3.02 26.32 3.20
C THR B 277 -2.63 25.42 4.38
N LYS B 278 -2.96 24.13 4.27
CA LYS B 278 -2.53 23.12 5.23
C LYS B 278 -1.78 22.01 4.49
N VAL B 279 -0.72 21.50 5.10
CA VAL B 279 0.12 20.45 4.50
C VAL B 279 0.29 19.33 5.53
N ASP B 280 -0.11 18.12 5.17
CA ASP B 280 -0.03 16.96 6.04
C ASP B 280 0.97 15.96 5.46
N VAL B 281 1.92 15.49 6.31
CA VAL B 281 2.84 14.42 5.89
C VAL B 281 2.27 13.09 6.33
N ASP B 282 2.36 12.08 5.46
CA ASP B 282 1.87 10.76 5.80
C ASP B 282 2.98 10.04 6.54
N TYR B 283 2.92 10.12 7.87
CA TYR B 283 4.01 9.72 8.75
C TYR B 283 4.48 8.30 8.43
N HIS B 284 3.55 7.36 8.27
CA HIS B 284 3.90 5.99 7.95
C HIS B 284 4.12 5.76 6.46
N GLY B 285 3.45 6.53 5.60
CA GLY B 285 3.40 6.24 4.18
C GLY B 285 2.13 5.56 3.72
N ARG B 286 1.16 5.35 4.61
CA ARG B 286 0.01 4.49 4.35
C ARG B 286 -1.19 5.22 3.74
N THR B 287 -1.37 6.50 4.06
CA THR B 287 -2.61 7.18 3.76
C THR B 287 -2.82 7.45 2.27
N VAL B 288 -1.97 8.31 1.68
CA VAL B 288 -2.07 8.75 0.29
C VAL B 288 -2.37 7.60 -0.67
N PRO B 289 -1.87 6.35 -0.43
CA PRO B 289 -2.29 5.19 -1.23
C PRO B 289 -3.80 5.05 -1.47
N LEU B 290 -4.65 5.58 -0.60
CA LEU B 290 -6.08 5.64 -0.89
C LEU B 290 -6.41 6.93 -1.63
MG MG C . -1.97 -8.34 -18.92
MG MG D . -6.05 0.27 12.69
#